data_7A1R
#
_entry.id   7A1R
#
_cell.length_a   54.908
_cell.length_b   57.532
_cell.length_c   84.570
_cell.angle_alpha   90.000
_cell.angle_beta   90.000
_cell.angle_gamma   90.000
#
_symmetry.space_group_name_H-M   'P 21 21 21'
#
loop_
_entity.id
_entity.type
_entity.pdbx_description
1 polymer Synaptotagmin
2 non-polymer 'CALCIUM ION'
3 non-polymer 'CHLORIDE ION'
4 non-polymer 'SODIUM ION'
5 non-polymer 'ACETATE ION'
6 water water
#
_entity_poly.entity_id   1
_entity_poly.type   'polypeptide(L)'
_entity_poly.pdbx_seq_one_letter_code
;STRSTVPNDDGVENHGGGTLFVTVQRCRNLKNKETIGVSDPYVKLQLRKQTRKSPYISSTLNPDFNFEAALEVYDIRSDV
LHISILDKNDLVKDRLMGTLRIMLSQVAAAPGDIIRGDMNLDPEGQISLELKLLRH
;
_entity_poly.pdbx_strand_id   A,B
#
loop_
_chem_comp.id
_chem_comp.type
_chem_comp.name
_chem_comp.formula
ACT non-polymer 'ACETATE ION' 'C2 H3 O2 -1'
CA non-polymer 'CALCIUM ION' 'Ca 2'
CL non-polymer 'CHLORIDE ION' 'Cl -1'
NA non-polymer 'SODIUM ION' 'Na 1'
#
# COMPACT_ATOMS: atom_id res chain seq x y z
N GLY A 16 15.93 9.79 -16.14
CA GLY A 16 14.74 9.03 -15.83
C GLY A 16 13.60 9.87 -15.32
N GLY A 17 12.76 9.27 -14.48
CA GLY A 17 11.61 9.96 -13.96
C GLY A 17 10.30 9.36 -14.41
N GLY A 18 9.56 8.79 -13.48
CA GLY A 18 8.28 8.22 -13.83
C GLY A 18 7.58 7.74 -12.58
N THR A 19 6.45 7.07 -12.78
CA THR A 19 5.75 6.36 -11.71
C THR A 19 5.64 4.91 -12.14
N LEU A 20 6.01 4.00 -11.24
CA LEU A 20 5.92 2.56 -11.52
C LEU A 20 4.71 2.00 -10.78
N PHE A 21 3.75 1.47 -11.53
CA PHE A 21 2.60 0.80 -10.96
C PHE A 21 2.91 -0.68 -10.87
N VAL A 22 2.75 -1.24 -9.68
CA VAL A 22 3.06 -2.65 -9.42
C VAL A 22 1.77 -3.35 -9.01
N THR A 23 1.42 -4.45 -9.68
CA THR A 23 0.36 -5.32 -9.22
C THR A 23 0.96 -6.68 -8.98
N VAL A 24 0.89 -7.19 -7.74
CA VAL A 24 1.24 -8.58 -7.45
C VAL A 24 -0.07 -9.36 -7.38
N GLN A 25 -0.34 -10.16 -8.41
CA GLN A 25 -1.59 -10.91 -8.43
C GLN A 25 -1.56 -12.07 -7.43
N ARG A 26 -0.47 -12.85 -7.43
CA ARG A 26 -0.45 -14.06 -6.62
C ARG A 26 1.00 -14.55 -6.54
N CYS A 27 1.24 -15.49 -5.63
CA CYS A 27 2.43 -16.32 -5.67
C CYS A 27 2.02 -17.79 -5.63
N ARG A 28 2.95 -18.62 -6.11
CA ARG A 28 2.74 -20.08 -6.11
C ARG A 28 3.99 -20.81 -5.63
N ASN A 29 3.78 -21.91 -4.93
CA ASN A 29 4.87 -22.80 -4.54
C ASN A 29 5.93 -22.09 -3.69
N LEU A 30 5.51 -21.24 -2.77
CA LEU A 30 6.46 -20.59 -1.87
C LEU A 30 7.12 -21.60 -0.93
N LYS A 31 8.34 -21.29 -0.52
CA LYS A 31 9.04 -22.09 0.48
C LYS A 31 8.49 -21.79 1.87
N ASN A 32 7.99 -22.82 2.56
CA ASN A 32 7.47 -22.63 3.91
C ASN A 32 8.61 -22.28 4.86
N LYS A 33 8.41 -21.27 5.71
CA LYS A 33 9.39 -20.86 6.71
C LYS A 33 8.86 -20.98 8.14
N GLU A 34 7.59 -21.32 8.35
CA GLU A 34 7.01 -21.30 9.68
C GLU A 34 7.60 -22.42 10.53
N THR A 35 7.86 -22.11 11.81
CA THR A 35 8.45 -23.13 12.69
C THR A 35 7.48 -24.29 12.89
N ILE A 36 6.24 -23.98 13.24
CA ILE A 36 5.15 -24.94 13.32
C ILE A 36 3.93 -24.39 12.56
N GLY A 37 3.44 -25.15 11.58
CA GLY A 37 2.33 -24.76 10.72
C GLY A 37 2.81 -24.27 9.36
N VAL A 38 1.95 -23.47 8.72
CA VAL A 38 2.16 -22.94 7.38
C VAL A 38 2.31 -21.42 7.47
N SER A 39 3.28 -20.89 6.74
CA SER A 39 3.59 -19.45 6.72
C SER A 39 2.38 -18.62 6.29
N ASP A 40 2.50 -17.31 6.56
CA ASP A 40 1.42 -16.34 6.37
C ASP A 40 1.99 -15.19 5.55
N PRO A 41 2.03 -15.35 4.23
CA PRO A 41 2.81 -14.43 3.40
C PRO A 41 2.22 -13.04 3.20
N TYR A 42 3.14 -12.09 3.04
CA TYR A 42 2.81 -10.77 2.53
C TYR A 42 3.93 -10.28 1.62
N VAL A 43 3.59 -9.26 0.82
CA VAL A 43 4.52 -8.62 -0.11
C VAL A 43 5.13 -7.38 0.51
N LYS A 44 6.43 -7.21 0.34
CA LYS A 44 7.10 -5.97 0.66
C LYS A 44 7.74 -5.46 -0.63
N LEU A 45 7.55 -4.18 -0.95
CA LEU A 45 8.22 -3.56 -2.08
C LEU A 45 9.15 -2.48 -1.57
N GLN A 46 10.33 -2.34 -2.19
CA GLN A 46 11.25 -1.26 -1.83
CA GLN A 46 11.25 -1.26 -1.83
C GLN A 46 11.89 -0.67 -3.08
N LEU A 47 11.88 0.66 -3.18
CA LEU A 47 12.56 1.37 -4.27
C LEU A 47 13.13 2.65 -3.68
N ARG A 48 14.46 2.75 -3.67
CA ARG A 48 15.16 3.82 -2.94
C ARG A 48 14.66 3.86 -1.50
N LYS A 49 14.15 5.00 -1.05
CA LYS A 49 13.65 5.16 0.33
C LYS A 49 12.18 4.79 0.51
N GLN A 50 11.48 4.43 -0.56
CA GLN A 50 10.08 4.05 -0.47
C GLN A 50 9.90 2.58 -0.14
N THR A 51 8.97 2.31 0.79
CA THR A 51 8.59 0.96 1.15
C THR A 51 7.07 0.81 1.10
N ARG A 52 6.60 -0.38 0.70
CA ARG A 52 5.19 -0.74 0.74
C ARG A 52 5.05 -2.13 1.31
N LYS A 53 3.97 -2.40 2.05
CA LYS A 53 3.72 -3.74 2.57
C LYS A 53 2.25 -4.08 2.37
N SER A 54 1.98 -5.27 1.82
CA SER A 54 0.60 -5.69 1.66
C SER A 54 0.06 -6.27 2.95
N PRO A 55 -1.27 -6.33 3.09
CA PRO A 55 -1.85 -7.21 4.12
C PRO A 55 -1.35 -8.64 3.94
N TYR A 56 -1.28 -9.40 5.03
CA TYR A 56 -0.84 -10.79 4.90
C TYR A 56 -2.05 -11.71 4.68
N ILE A 57 -1.76 -12.90 4.15
CA ILE A 57 -2.76 -13.96 3.99
C ILE A 57 -2.35 -15.14 4.86
N SER A 58 -3.27 -15.63 5.69
CA SER A 58 -2.95 -16.66 6.67
CA SER A 58 -2.96 -16.67 6.67
C SER A 58 -2.76 -18.03 6.01
N SER A 59 -1.75 -18.77 6.49
CA SER A 59 -1.66 -20.22 6.32
CA SER A 59 -1.64 -20.22 6.31
C SER A 59 -1.72 -20.65 4.83
N THR A 60 -0.82 -20.11 4.01
CA THR A 60 -0.81 -20.52 2.60
C THR A 60 0.56 -20.34 1.97
N LEU A 61 0.93 -21.29 1.10
CA LEU A 61 2.08 -21.16 0.22
C LEU A 61 1.68 -20.74 -1.19
N ASN A 62 0.38 -20.50 -1.42
CA ASN A 62 -0.15 -20.13 -2.73
C ASN A 62 -1.11 -18.94 -2.57
N PRO A 63 -0.62 -17.81 -2.04
CA PRO A 63 -1.51 -16.67 -1.78
C PRO A 63 -2.00 -15.98 -3.04
N ASP A 64 -3.26 -15.55 -3.02
CA ASP A 64 -3.83 -14.67 -4.05
C ASP A 64 -3.93 -13.27 -3.46
N PHE A 65 -2.94 -12.42 -3.75
CA PHE A 65 -2.81 -11.14 -3.08
C PHE A 65 -3.66 -10.04 -3.74
N ASN A 66 -3.66 -9.97 -5.07
CA ASN A 66 -4.25 -8.81 -5.79
CA ASN A 66 -4.25 -8.82 -5.78
C ASN A 66 -3.83 -7.49 -5.15
N PHE A 67 -2.52 -7.34 -4.96
CA PHE A 67 -1.94 -6.20 -4.26
C PHE A 67 -1.52 -5.15 -5.27
N GLU A 68 -2.00 -3.91 -5.09
CA GLU A 68 -1.66 -2.81 -5.98
C GLU A 68 -0.88 -1.75 -5.23
N ALA A 69 0.17 -1.24 -5.87
CA ALA A 69 1.00 -0.18 -5.30
C ALA A 69 1.57 0.70 -6.39
N ALA A 70 2.11 1.84 -5.99
CA ALA A 70 2.82 2.74 -6.90
C ALA A 70 4.08 3.26 -6.22
N LEU A 71 5.15 3.42 -7.00
CA LEU A 71 6.41 3.90 -6.48
C LEU A 71 6.95 4.94 -7.44
N GLU A 72 7.49 6.02 -6.92
CA GLU A 72 8.09 7.01 -7.80
C GLU A 72 9.47 6.56 -8.25
N VAL A 73 9.77 6.77 -9.53
CA VAL A 73 11.04 6.40 -10.15
C VAL A 73 11.81 7.68 -10.41
N TYR A 74 13.06 7.73 -9.95
CA TYR A 74 13.85 8.94 -10.13
C TYR A 74 14.86 8.84 -11.27
N ASP A 75 15.34 7.63 -11.60
CA ASP A 75 16.28 7.43 -12.71
C ASP A 75 15.92 6.10 -13.37
N ILE A 76 15.27 6.17 -14.53
CA ILE A 76 14.83 4.96 -15.18
C ILE A 76 16.01 4.03 -15.48
N ARG A 77 17.17 4.60 -15.81
CA ARG A 77 18.31 3.81 -16.23
C ARG A 77 18.90 2.96 -15.11
N SER A 78 18.83 3.44 -13.86
CA SER A 78 19.55 2.78 -12.77
C SER A 78 18.68 2.26 -11.63
N ASP A 79 17.43 2.71 -11.52
CA ASP A 79 16.64 2.32 -10.37
C ASP A 79 16.28 0.82 -10.38
N VAL A 80 16.12 0.26 -9.18
CA VAL A 80 15.83 -1.16 -9.02
C VAL A 80 14.70 -1.30 -8.00
N LEU A 81 13.68 -2.07 -8.36
CA LEU A 81 12.60 -2.43 -7.46
C LEU A 81 12.98 -3.76 -6.80
N HIS A 82 12.91 -3.80 -5.46
CA HIS A 82 13.18 -5.01 -4.71
C HIS A 82 11.85 -5.54 -4.16
N ILE A 83 11.49 -6.76 -4.55
CA ILE A 83 10.27 -7.42 -4.08
C ILE A 83 10.68 -8.51 -3.09
N SER A 84 10.04 -8.55 -1.92
CA SER A 84 10.25 -9.63 -0.95
C SER A 84 8.91 -10.21 -0.59
N ILE A 85 8.86 -11.53 -0.40
CA ILE A 85 7.72 -12.22 0.16
C ILE A 85 8.14 -12.72 1.54
N LEU A 86 7.41 -12.30 2.58
CA LEU A 86 7.76 -12.54 3.97
C LEU A 86 6.63 -13.25 4.71
N ASP A 87 7.00 -14.08 5.70
CA ASP A 87 6.06 -14.79 6.56
C ASP A 87 5.79 -13.89 7.76
N LYS A 88 4.53 -13.43 7.90
CA LYS A 88 4.14 -12.60 9.04
C LYS A 88 4.16 -13.47 10.29
N ASN A 89 4.86 -12.98 11.35
CA ASN A 89 4.92 -13.64 12.64
C ASN A 89 4.54 -12.67 13.74
N ASP A 90 4.02 -13.20 14.82
CA ASP A 90 3.56 -12.36 15.93
C ASP A 90 4.64 -12.14 16.99
N LEU A 91 5.46 -13.14 17.28
CA LEU A 91 6.42 -13.03 18.36
C LEU A 91 7.85 -12.98 17.88
N VAL A 92 8.19 -13.67 16.78
CA VAL A 92 9.54 -13.71 16.26
C VAL A 92 9.61 -12.83 15.02
N LYS A 93 10.83 -12.56 14.57
CA LYS A 93 11.03 -11.76 13.37
C LYS A 93 10.36 -12.39 12.15
N ASP A 94 9.74 -11.56 11.31
CA ASP A 94 9.18 -12.06 10.06
C ASP A 94 10.30 -12.66 9.21
N ARG A 95 10.03 -13.83 8.62
CA ARG A 95 11.06 -14.54 7.87
C ARG A 95 10.88 -14.39 6.36
N LEU A 96 12.02 -14.25 5.66
CA LEU A 96 12.05 -14.09 4.21
C LEU A 96 11.76 -15.41 3.54
N MET A 97 10.76 -15.42 2.65
CA MET A 97 10.38 -16.59 1.86
C MET A 97 10.95 -16.55 0.45
N GLY A 98 11.00 -15.38 -0.16
CA GLY A 98 11.58 -15.30 -1.50
C GLY A 98 11.76 -13.86 -1.92
N THR A 99 12.59 -13.65 -2.95
CA THR A 99 12.87 -12.30 -3.40
C THR A 99 12.92 -12.25 -4.93
N LEU A 100 12.73 -11.04 -5.46
CA LEU A 100 12.95 -10.80 -6.88
C LEU A 100 13.35 -9.35 -7.10
N ARG A 101 14.38 -9.08 -7.88
CA ARG A 101 14.72 -7.71 -8.23
C ARG A 101 14.33 -7.44 -9.67
N ILE A 102 13.74 -6.26 -9.91
CA ILE A 102 13.34 -5.81 -11.24
C ILE A 102 14.10 -4.52 -11.55
N MET A 103 14.84 -4.52 -12.65
CA MET A 103 15.53 -3.31 -13.08
C MET A 103 14.56 -2.41 -13.84
N LEU A 104 14.46 -1.12 -13.46
CA LEU A 104 13.53 -0.26 -14.19
C LEU A 104 13.88 -0.15 -15.67
N SER A 105 15.16 -0.28 -16.02
CA SER A 105 15.53 -0.27 -17.44
C SER A 105 14.83 -1.38 -18.22
N GLN A 106 14.57 -2.51 -17.57
CA GLN A 106 13.87 -3.60 -18.24
C GLN A 106 12.42 -3.23 -18.52
N VAL A 107 11.77 -2.53 -17.58
CA VAL A 107 10.40 -2.09 -17.80
C VAL A 107 10.36 -1.05 -18.93
N ALA A 108 11.32 -0.12 -18.92
CA ALA A 108 11.34 0.94 -19.93
C ALA A 108 11.62 0.44 -21.34
N ALA A 109 12.31 -0.70 -21.47
CA ALA A 109 12.58 -1.31 -22.76
C ALA A 109 11.40 -2.11 -23.32
N ALA A 110 10.45 -2.48 -22.47
CA ALA A 110 9.37 -3.36 -22.89
C ALA A 110 8.36 -2.61 -23.74
N PRO A 111 7.73 -3.30 -24.68
CA PRO A 111 6.69 -2.65 -25.51
C PRO A 111 5.59 -2.12 -24.62
N GLY A 112 5.22 -0.86 -24.86
CA GLY A 112 4.21 -0.20 -24.07
C GLY A 112 4.62 0.14 -22.65
N ASP A 113 5.91 -0.03 -22.30
CA ASP A 113 6.41 0.19 -20.94
C ASP A 113 5.67 -0.67 -19.92
N ILE A 114 5.31 -1.88 -20.36
CA ILE A 114 4.50 -2.83 -19.59
C ILE A 114 5.22 -4.16 -19.59
N ILE A 115 5.29 -4.81 -18.42
CA ILE A 115 5.72 -6.19 -18.29
C ILE A 115 4.67 -6.93 -17.47
N ARG A 116 4.39 -8.18 -17.83
CA ARG A 116 3.28 -8.88 -17.20
C ARG A 116 3.52 -10.38 -17.38
N GLY A 117 3.81 -11.09 -16.29
CA GLY A 117 4.08 -12.52 -16.41
C GLY A 117 4.30 -13.18 -15.06
N ASP A 118 4.60 -14.47 -15.14
CA ASP A 118 4.90 -15.29 -13.96
C ASP A 118 6.42 -15.43 -13.89
N MET A 119 7.02 -14.86 -12.87
CA MET A 119 8.47 -14.79 -12.77
C MET A 119 8.95 -15.71 -11.66
N ASN A 120 10.22 -16.10 -11.71
CA ASN A 120 10.77 -17.01 -10.70
C ASN A 120 11.34 -16.23 -9.53
N LEU A 121 10.92 -16.60 -8.32
CA LEU A 121 11.48 -16.02 -7.10
C LEU A 121 12.76 -16.74 -6.71
N ASP A 122 13.63 -16.05 -5.99
CA ASP A 122 14.86 -16.64 -5.45
C ASP A 122 14.58 -16.97 -3.99
N PRO A 123 14.69 -18.21 -3.55
CA PRO A 123 15.26 -19.37 -4.25
C PRO A 123 14.24 -20.31 -4.89
N GLU A 124 12.96 -20.17 -4.58
CA GLU A 124 11.95 -21.02 -5.21
C GLU A 124 10.61 -20.31 -5.19
N GLY A 125 9.67 -20.82 -5.97
CA GLY A 125 8.37 -20.20 -6.08
C GLY A 125 8.23 -19.32 -7.31
N GLN A 126 6.98 -18.97 -7.62
CA GLN A 126 6.67 -18.11 -8.75
C GLN A 126 5.82 -16.96 -8.25
N ILE A 127 5.93 -15.84 -8.95
CA ILE A 127 5.16 -14.65 -8.62
C ILE A 127 4.57 -14.11 -9.89
N SER A 128 3.28 -13.80 -9.87
CA SER A 128 2.59 -13.22 -11.02
CA SER A 128 2.59 -13.22 -11.02
C SER A 128 2.50 -11.73 -10.82
N LEU A 129 3.11 -10.97 -11.73
CA LEU A 129 3.14 -9.52 -11.55
CA LEU A 129 3.28 -9.53 -11.58
C LEU A 129 2.85 -8.81 -12.86
N GLU A 130 2.35 -7.59 -12.69
CA GLU A 130 2.21 -6.62 -13.75
C GLU A 130 2.95 -5.37 -13.30
N LEU A 131 3.83 -4.88 -14.15
CA LEU A 131 4.61 -3.68 -13.92
C LEU A 131 4.36 -2.71 -15.06
N LYS A 132 3.91 -1.50 -14.73
CA LYS A 132 3.60 -0.50 -15.74
C LYS A 132 4.35 0.79 -15.39
N LEU A 133 5.19 1.29 -16.31
CA LEU A 133 5.91 2.53 -16.07
C LEU A 133 5.22 3.66 -16.83
N LEU A 134 4.87 4.74 -16.11
CA LEU A 134 4.39 5.98 -16.73
C LEU A 134 5.56 6.98 -16.65
N ARG A 135 6.09 7.38 -17.81
CA ARG A 135 7.22 8.32 -17.78
C ARG A 135 6.73 9.75 -17.60
N HIS A 136 7.54 10.55 -16.90
CA HIS A 136 7.26 11.97 -16.71
C HIS A 136 8.21 12.80 -17.55
N GLY B 16 -2.37 18.48 -16.34
CA GLY B 16 -2.10 18.98 -15.00
C GLY B 16 -2.25 17.91 -13.93
N GLY B 17 -1.30 16.96 -13.93
CA GLY B 17 -1.23 15.80 -13.06
C GLY B 17 -0.03 15.79 -12.12
N GLY B 18 0.15 14.70 -11.36
CA GLY B 18 1.26 14.62 -10.44
C GLY B 18 1.25 13.28 -9.74
N THR B 19 2.06 13.13 -8.70
CA THR B 19 2.02 11.97 -7.84
C THR B 19 1.75 12.47 -6.42
N LEU B 20 0.81 11.83 -5.75
CA LEU B 20 0.45 12.17 -4.38
C LEU B 20 1.03 11.11 -3.44
N PHE B 21 1.92 11.54 -2.54
CA PHE B 21 2.48 10.67 -1.51
C PHE B 21 1.64 10.84 -0.25
N VAL B 22 1.14 9.71 0.28
CA VAL B 22 0.28 9.71 1.45
C VAL B 22 1.00 8.98 2.58
N THR B 23 1.12 9.64 3.73
CA THR B 23 1.54 8.96 4.94
C THR B 23 0.42 9.05 5.97
N VAL B 24 -0.08 7.91 6.42
CA VAL B 24 -0.99 7.89 7.58
C VAL B 24 -0.21 7.42 8.79
N GLN B 25 0.11 8.35 9.72
CA GLN B 25 0.91 8.00 10.88
C GLN B 25 0.09 7.20 11.90
N ARG B 26 -1.11 7.68 12.23
CA ARG B 26 -1.89 7.07 13.31
C ARG B 26 -3.33 7.57 13.20
N CYS B 27 -4.22 6.92 13.93
CA CYS B 27 -5.54 7.48 14.27
C CYS B 27 -5.74 7.41 15.77
N ARG B 28 -6.63 8.30 16.27
CA ARG B 28 -6.97 8.36 17.69
C ARG B 28 -8.49 8.48 17.86
N ASN B 29 -9.02 7.85 18.90
CA ASN B 29 -10.42 8.01 19.30
C ASN B 29 -11.37 7.56 18.21
N LEU B 30 -11.03 6.46 17.53
CA LEU B 30 -11.94 5.91 16.53
C LEU B 30 -13.20 5.35 17.18
N LYS B 31 -14.28 5.35 16.42
CA LYS B 31 -15.53 4.70 16.83
C LYS B 31 -15.42 3.18 16.73
N ASN B 32 -15.70 2.47 17.83
CA ASN B 32 -15.71 1.02 17.81
C ASN B 32 -16.90 0.52 17.00
N LYS B 33 -16.66 -0.45 16.11
CA LYS B 33 -17.71 -1.07 15.32
C LYS B 33 -17.86 -2.57 15.59
N GLU B 34 -17.00 -3.12 16.44
CA GLU B 34 -16.99 -4.56 16.67
C GLU B 34 -18.17 -4.95 17.54
N THR B 35 -18.81 -6.08 17.19
CA THR B 35 -19.95 -6.54 17.98
C THR B 35 -19.51 -7.00 19.36
N ILE B 36 -18.46 -7.82 19.42
CA ILE B 36 -17.86 -8.32 20.66
C ILE B 36 -16.39 -7.95 20.65
N GLY B 37 -15.95 -7.20 21.66
CA GLY B 37 -14.55 -6.81 21.68
C GLY B 37 -14.31 -5.46 21.01
N VAL B 38 -13.08 -5.30 20.54
CA VAL B 38 -12.59 -4.06 19.96
C VAL B 38 -12.26 -4.24 18.48
N SER B 39 -12.60 -3.24 17.67
CA SER B 39 -12.33 -3.25 16.23
C SER B 39 -10.84 -3.40 15.92
N ASP B 40 -10.58 -3.76 14.66
CA ASP B 40 -9.24 -4.10 14.17
C ASP B 40 -8.96 -3.24 12.94
N PRO B 41 -8.53 -2.00 13.13
CA PRO B 41 -8.55 -1.04 12.00
C PRO B 41 -7.50 -1.22 10.94
N TYR B 42 -7.86 -0.87 9.71
CA TYR B 42 -6.89 -0.65 8.64
C TYR B 42 -7.33 0.56 7.81
N VAL B 43 -6.37 1.06 7.00
CA VAL B 43 -6.58 2.21 6.09
C VAL B 43 -6.90 1.73 4.69
N LYS B 44 -7.90 2.34 4.04
CA LYS B 44 -8.12 2.18 2.62
C LYS B 44 -8.04 3.56 1.98
N LEU B 45 -7.29 3.67 0.90
CA LEU B 45 -7.20 4.89 0.13
C LEU B 45 -7.78 4.61 -1.25
N GLN B 46 -8.47 5.60 -1.84
CA GLN B 46 -8.95 5.47 -3.21
C GLN B 46 -8.87 6.81 -3.93
N LEU B 47 -8.34 6.80 -5.15
CA LEU B 47 -8.30 7.98 -6.02
C LEU B 47 -8.55 7.48 -7.44
N ARG B 48 -9.65 7.91 -8.04
CA ARG B 48 -10.13 7.33 -9.31
C ARG B 48 -10.20 5.81 -9.20
N LYS B 49 -9.53 5.05 -10.08
CA LYS B 49 -9.59 3.60 -10.02
C LYS B 49 -8.52 2.97 -9.11
N GLN B 50 -7.63 3.75 -8.53
CA GLN B 50 -6.57 3.21 -7.70
C GLN B 50 -7.10 3.00 -6.28
N THR B 51 -6.75 1.86 -5.69
CA THR B 51 -7.07 1.53 -4.32
C THR B 51 -5.81 1.04 -3.61
N ARG B 52 -5.67 1.38 -2.33
CA ARG B 52 -4.61 0.88 -1.46
C ARG B 52 -5.22 0.45 -0.13
N LYS B 53 -4.65 -0.59 0.48
CA LYS B 53 -5.08 -1.06 1.81
C LYS B 53 -3.87 -1.36 2.66
N SER B 54 -3.87 -0.84 3.88
CA SER B 54 -2.78 -1.14 4.79
C SER B 54 -3.03 -2.47 5.49
N PRO B 55 -1.99 -3.07 6.03
CA PRO B 55 -2.21 -4.14 7.02
C PRO B 55 -3.08 -3.63 8.17
N TYR B 56 -3.82 -4.54 8.80
CA TYR B 56 -4.65 -4.12 9.93
C TYR B 56 -3.87 -4.28 11.23
N ILE B 57 -4.35 -3.57 12.26
CA ILE B 57 -3.83 -3.67 13.61
C ILE B 57 -4.94 -4.20 14.50
N SER B 58 -4.64 -5.24 15.27
CA SER B 58 -5.70 -5.89 16.04
C SER B 58 -6.09 -5.09 17.28
N SER B 59 -7.40 -5.06 17.56
CA SER B 59 -7.94 -4.68 18.87
CA SER B 59 -7.96 -4.68 18.87
C SER B 59 -7.48 -3.31 19.36
N THR B 60 -7.73 -2.28 18.55
CA THR B 60 -7.38 -0.93 18.99
C THR B 60 -8.26 0.12 18.33
N LEU B 61 -8.65 1.14 19.12
CA LEU B 61 -9.24 2.36 18.56
C LEU B 61 -8.20 3.47 18.40
N ASN B 62 -6.93 3.17 18.70
CA ASN B 62 -5.85 4.14 18.63
C ASN B 62 -4.65 3.57 17.89
N PRO B 63 -4.85 3.15 16.63
CA PRO B 63 -3.77 2.45 15.87
C PRO B 63 -2.62 3.38 15.50
N ASP B 64 -1.40 2.84 15.57
CA ASP B 64 -0.21 3.52 15.02
C ASP B 64 0.17 2.80 13.73
N PHE B 65 -0.24 3.34 12.60
CA PHE B 65 -0.12 2.64 11.31
C PHE B 65 1.26 2.82 10.65
N ASN B 66 1.79 4.05 10.62
CA ASN B 66 2.99 4.37 9.82
C ASN B 66 2.88 3.83 8.39
N PHE B 67 1.75 4.13 7.77
CA PHE B 67 1.39 3.57 6.47
C PHE B 67 1.78 4.55 5.37
N GLU B 68 2.54 4.10 4.36
CA GLU B 68 2.96 4.95 3.26
C GLU B 68 2.44 4.39 1.95
N ALA B 69 1.98 5.29 1.10
CA ALA B 69 1.48 4.91 -0.21
C ALA B 69 1.69 6.05 -1.19
N ALA B 70 1.50 5.75 -2.47
CA ALA B 70 1.53 6.77 -3.53
C ALA B 70 0.41 6.53 -4.52
N LEU B 71 -0.17 7.63 -5.00
CA LEU B 71 -1.28 7.51 -5.95
C LEU B 71 -1.05 8.51 -7.08
N GLU B 72 -1.33 8.09 -8.31
CA GLU B 72 -1.18 9.02 -9.43
C GLU B 72 -2.36 9.97 -9.48
N VAL B 73 -2.10 11.25 -9.78
CA VAL B 73 -3.12 12.30 -9.89
C VAL B 73 -3.21 12.67 -11.36
N TYR B 74 -4.43 12.67 -11.90
CA TYR B 74 -4.59 12.96 -13.33
C TYR B 74 -5.08 14.37 -13.59
N ASP B 75 -5.84 14.94 -12.67
CA ASP B 75 -6.37 16.31 -12.81
C ASP B 75 -6.38 16.93 -11.41
N ILE B 76 -5.38 17.78 -11.11
CA ILE B 76 -5.27 18.38 -9.77
C ILE B 76 -6.51 19.19 -9.43
N ARG B 77 -7.13 19.84 -10.42
CA ARG B 77 -8.25 20.73 -10.14
C ARG B 77 -9.48 19.99 -9.66
N SER B 78 -9.66 18.72 -10.07
CA SER B 78 -10.89 17.98 -9.79
C SER B 78 -10.73 16.67 -9.02
N ASP B 79 -9.54 16.07 -8.97
CA ASP B 79 -9.40 14.75 -8.34
C ASP B 79 -9.63 14.84 -6.83
N VAL B 80 -10.07 13.74 -6.24
CA VAL B 80 -10.41 13.66 -4.82
C VAL B 80 -9.81 12.39 -4.24
N LEU B 81 -9.14 12.50 -3.10
CA LEU B 81 -8.66 11.35 -2.35
C LEU B 81 -9.70 10.97 -1.30
N HIS B 82 -10.09 9.69 -1.30
CA HIS B 82 -11.03 9.16 -0.31
C HIS B 82 -10.26 8.27 0.66
N ILE B 83 -10.26 8.62 1.95
CA ILE B 83 -9.60 7.83 3.00
C ILE B 83 -10.71 7.19 3.82
N SER B 84 -10.60 5.88 4.05
CA SER B 84 -11.54 5.16 4.92
C SER B 84 -10.75 4.39 5.96
N ILE B 85 -11.26 4.34 7.19
CA ILE B 85 -10.73 3.48 8.25
C ILE B 85 -11.79 2.42 8.51
N LEU B 86 -11.40 1.15 8.33
CA LEU B 86 -12.33 0.02 8.35
C LEU B 86 -11.89 -1.00 9.40
N ASP B 87 -12.87 -1.68 10.00
CA ASP B 87 -12.62 -2.74 10.97
C ASP B 87 -12.52 -4.07 10.21
N LYS B 88 -11.34 -4.68 10.24
CA LYS B 88 -11.16 -5.97 9.58
C LYS B 88 -11.94 -7.07 10.31
N ASN B 89 -12.76 -7.81 9.55
CA ASN B 89 -13.58 -8.88 10.08
C ASN B 89 -13.32 -10.13 9.27
N ASP B 90 -13.52 -11.28 9.92
CA ASP B 90 -13.24 -12.55 9.25
C ASP B 90 -14.46 -13.16 8.60
N LEU B 91 -15.61 -13.08 9.26
CA LEU B 91 -16.81 -13.74 8.77
C LEU B 91 -17.85 -12.80 8.22
N VAL B 92 -17.97 -11.59 8.77
CA VAL B 92 -18.94 -10.60 8.30
C VAL B 92 -18.20 -9.50 7.53
N LYS B 93 -18.97 -8.66 6.85
CA LYS B 93 -18.38 -7.55 6.10
C LYS B 93 -17.59 -6.61 6.99
N ASP B 94 -16.44 -6.13 6.49
CA ASP B 94 -15.66 -5.12 7.22
C ASP B 94 -16.53 -3.88 7.40
N ARG B 95 -16.44 -3.25 8.59
CA ARG B 95 -17.32 -2.14 8.91
CA ARG B 95 -17.32 -2.14 8.94
C ARG B 95 -16.57 -0.81 8.89
N LEU B 96 -17.19 0.19 8.27
CA LEU B 96 -16.60 1.52 8.20
C LEU B 96 -16.63 2.21 9.57
N MET B 97 -15.45 2.67 10.02
CA MET B 97 -15.24 3.38 11.28
C MET B 97 -15.19 4.90 11.07
N GLY B 98 -14.56 5.34 9.98
CA GLY B 98 -14.50 6.78 9.71
C GLY B 98 -13.98 7.06 8.30
N THR B 99 -14.25 8.28 7.83
CA THR B 99 -13.79 8.67 6.49
C THR B 99 -13.21 10.08 6.49
N LEU B 100 -12.41 10.36 5.48
CA LEU B 100 -11.96 11.74 5.23
C LEU B 100 -11.83 11.92 3.73
N ARG B 101 -12.35 13.02 3.21
CA ARG B 101 -12.25 13.35 1.80
C ARG B 101 -11.34 14.56 1.67
N ILE B 102 -10.36 14.48 0.80
CA ILE B 102 -9.44 15.61 0.52
C ILE B 102 -9.41 15.90 -0.98
N MET B 103 -9.74 17.13 -1.39
CA MET B 103 -9.63 17.45 -2.81
CA MET B 103 -9.64 17.49 -2.80
C MET B 103 -8.18 17.80 -3.12
N LEU B 104 -7.68 17.32 -4.27
CA LEU B 104 -6.26 17.54 -4.57
C LEU B 104 -5.93 19.04 -4.67
N SER B 105 -6.92 19.84 -5.06
CA SER B 105 -6.71 21.28 -5.11
C SER B 105 -6.31 21.86 -3.76
N GLN B 106 -6.76 21.24 -2.66
CA GLN B 106 -6.35 21.71 -1.32
C GLN B 106 -4.85 21.48 -1.10
N VAL B 107 -4.31 20.35 -1.58
CA VAL B 107 -2.88 20.11 -1.45
C VAL B 107 -2.10 21.07 -2.31
N ALA B 108 -2.55 21.28 -3.55
CA ALA B 108 -1.82 22.16 -4.46
C ALA B 108 -1.88 23.63 -4.04
N ALA B 109 -2.89 24.02 -3.26
CA ALA B 109 -2.98 25.42 -2.82
C ALA B 109 -2.01 25.73 -1.70
N ALA B 110 -1.55 24.72 -1.01
CA ALA B 110 -0.71 24.92 0.16
C ALA B 110 0.69 25.31 -0.27
N PRO B 111 1.36 26.13 0.53
CA PRO B 111 2.77 26.42 0.25
C PRO B 111 3.58 25.14 0.31
N GLY B 112 4.43 24.95 -0.69
CA GLY B 112 5.21 23.72 -0.81
C GLY B 112 4.47 22.47 -1.26
N ASP B 113 3.22 22.59 -1.68
CA ASP B 113 2.41 21.46 -2.15
C ASP B 113 2.30 20.35 -1.10
N ILE B 114 2.30 20.72 0.19
CA ILE B 114 2.27 19.74 1.29
C ILE B 114 1.24 20.18 2.32
N ILE B 115 0.45 19.23 2.82
CA ILE B 115 -0.37 19.46 3.99
CA ILE B 115 -0.43 19.43 3.97
C ILE B 115 -0.13 18.36 5.01
N ARG B 116 -0.08 18.74 6.27
CA ARG B 116 0.30 17.80 7.32
CA ARG B 116 0.24 17.76 7.30
C ARG B 116 -0.40 18.20 8.60
N GLY B 117 -0.91 17.23 9.34
CA GLY B 117 -1.52 17.56 10.61
C GLY B 117 -2.45 16.46 11.08
N ASP B 118 -3.11 16.74 12.21
CA ASP B 118 -4.12 15.85 12.79
C ASP B 118 -5.47 16.38 12.34
N MET B 119 -6.14 15.64 11.47
CA MET B 119 -7.40 16.06 10.86
C MET B 119 -8.59 15.28 11.43
N ASN B 120 -9.81 15.81 11.20
CA ASN B 120 -11.01 15.21 11.79
C ASN B 120 -11.65 14.21 10.84
N LEU B 121 -11.85 12.98 11.30
CA LEU B 121 -12.57 11.99 10.55
C LEU B 121 -14.08 12.21 10.72
N ASP B 122 -14.84 11.76 9.72
CA ASP B 122 -16.30 11.79 9.73
C ASP B 122 -16.78 10.39 10.10
N PRO B 123 -17.55 10.18 11.18
CA PRO B 123 -18.21 11.20 12.01
C PRO B 123 -17.42 11.65 13.24
N GLU B 124 -16.37 10.92 13.60
CA GLU B 124 -15.54 11.26 14.75
C GLU B 124 -14.19 10.57 14.62
N GLY B 125 -13.26 10.94 15.49
CA GLY B 125 -11.91 10.39 15.48
C GLY B 125 -10.95 11.35 14.81
N GLN B 126 -9.65 11.17 15.11
CA GLN B 126 -8.61 11.98 14.46
CA GLN B 126 -8.59 11.98 14.49
C GLN B 126 -7.69 11.09 13.64
N ILE B 127 -7.15 11.67 12.57
CA ILE B 127 -6.19 10.96 11.71
C ILE B 127 -4.99 11.87 11.53
N SER B 128 -3.79 11.35 11.75
CA SER B 128 -2.55 12.11 11.56
CA SER B 128 -2.56 12.10 11.55
C SER B 128 -2.01 11.76 10.17
N LEU B 129 -1.94 12.75 9.29
CA LEU B 129 -1.48 12.39 7.96
CA LEU B 129 -1.48 12.39 7.96
C LEU B 129 -0.65 13.50 7.34
N GLU B 130 0.12 13.10 6.33
CA GLU B 130 0.90 13.99 5.49
C GLU B 130 0.56 13.67 4.03
N LEU B 131 0.24 14.71 3.27
CA LEU B 131 -0.07 14.60 1.85
C LEU B 131 0.90 15.49 1.13
N LYS B 132 1.71 14.92 0.24
CA LYS B 132 2.74 15.66 -0.48
C LYS B 132 2.50 15.45 -1.97
N LEU B 133 2.30 16.54 -2.70
CA LEU B 133 2.03 16.46 -4.13
C LEU B 133 3.28 16.86 -4.91
N LEU B 134 3.72 15.99 -5.80
CA LEU B 134 4.78 16.27 -6.77
C LEU B 134 4.10 16.51 -8.12
N ARG B 135 4.18 17.72 -8.64
CA ARG B 135 3.55 18.03 -9.92
CA ARG B 135 3.54 18.01 -9.91
C ARG B 135 4.39 17.49 -11.07
N HIS B 136 3.70 17.02 -12.12
CA HIS B 136 4.42 16.61 -13.33
C HIS B 136 4.06 17.54 -14.45
CA CA C . 3.89 -16.84 10.50
CA CA D . 0.95 -19.51 10.14
CL CL E . 16.14 -11.78 -8.57
CL CL F . 1.29 2.55 -2.95
CL CL G . 18.43 2.50 -3.97
CL CL H . -2.77 -7.53 7.47
NA NA I . -1.45 -10.20 -13.45
CA CA J . -13.04 -6.99 13.54
CA CA K . -11.36 -7.39 17.16
C ACT L . -15.68 -11.22 12.51
O ACT L . -16.34 -11.91 11.73
OXT ACT L . -14.42 -11.07 12.54
CH3 ACT L . -16.46 -10.45 13.65
CL CL M . -15.49 -7.27 3.64
CL CL N . -6.79 5.57 -11.78
CL CL O . -14.20 1.88 -9.53
#